data_5KGP
#
_entry.id   5KGP
#
_cell.length_a   63.147
_cell.length_b   65.776
_cell.length_c   90.803
_cell.angle_alpha   90.00
_cell.angle_beta   106.95
_cell.angle_gamma   90.00
#
_symmetry.space_group_name_H-M   'P 1 21 1'
#
loop_
_entity.id
_entity.type
_entity.pdbx_description
1 polymer 'Predicted acetyltransferase'
2 branched 2-amino-2-deoxy-beta-D-glucopyranose-(1-4)-2-amino-2-deoxy-alpha-D-glucopyranose
3 non-polymer 'ACETYL COENZYME *A'
4 non-polymer 'COENZYME A'
5 non-polymer 1,2-ETHANEDIOL
6 non-polymer '3[N-MORPHOLINO]PROPANE SULFONIC ACID'
7 water water
#
_entity_poly.entity_id   1
_entity_poly.type   'polypeptide(L)'
_entity_poly.pdbx_seq_one_letter_code
;MEIKETYDFSSIVDLWNKNIGTVYPMNLELFKQNYINDRQRKKIMGAFNGEILIGFVIYKQWTYKSGSLKPNHKIGYINS
IIVDINFRHQGIGTKLLDAAEEELINSGVKILRCGSDTYHFFPGIPLECLPSEEFFLVRGYKMQDYFYDLIGDVSKVDFK
KPSIKDGFKVNVMKPEDRKGLFEFLEKSFSGRWLEEFIEFFQVGMKERDIVLIKYKTSVIGFSHIYDNKSSFIGPPIYWK
ALLGHNYGGLGPIGIDKTYRKQGLGRLLLYESLQILKKREVKKMVIDWTEKDIINFYGRFNFMPWKAYRKATKEVKDGKG
GGHHHHHH
;
_entity_poly.pdbx_strand_id   A,B
#
# COMPACT_ATOMS: atom_id res chain seq x y z
N MET A 1 -7.80 0.99 -35.25
CA MET A 1 -7.24 1.55 -33.99
C MET A 1 -6.17 2.56 -34.38
N GLU A 2 -6.15 3.73 -33.74
CA GLU A 2 -5.23 4.80 -34.16
C GLU A 2 -4.49 5.37 -32.94
N ILE A 3 -3.22 5.69 -33.13
CA ILE A 3 -2.38 6.36 -32.13
C ILE A 3 -2.28 7.80 -32.57
N LYS A 4 -2.70 8.72 -31.72
CA LYS A 4 -2.56 10.11 -32.04
C LYS A 4 -2.60 11.00 -30.79
N GLU A 5 -2.12 12.23 -30.97
CA GLU A 5 -2.04 13.15 -29.86
C GLU A 5 -3.46 13.46 -29.38
N THR A 6 -3.62 13.62 -28.07
CA THR A 6 -4.93 13.83 -27.46
C THR A 6 -4.89 14.98 -26.51
N TYR A 7 -6.01 15.67 -26.48
CA TYR A 7 -6.23 16.91 -25.78
C TYR A 7 -7.31 16.86 -24.67
N ASP A 8 -8.14 15.80 -24.67
CA ASP A 8 -9.33 15.80 -23.82
C ASP A 8 -8.90 15.27 -22.46
N PHE A 9 -8.61 16.18 -21.53
CA PHE A 9 -8.13 15.78 -20.19
C PHE A 9 -9.21 15.00 -19.43
N SER A 10 -10.49 15.29 -19.66
CA SER A 10 -11.55 14.57 -18.96
C SER A 10 -11.64 13.11 -19.33
N SER A 11 -11.52 12.80 -20.61
CA SER A 11 -11.46 11.40 -21.01
C SER A 11 -10.28 10.64 -20.36
N ILE A 12 -9.13 11.32 -20.30
CA ILE A 12 -7.94 10.75 -19.70
C ILE A 12 -8.17 10.51 -18.21
N VAL A 13 -8.71 11.51 -17.47
CA VAL A 13 -8.98 11.33 -16.07
C VAL A 13 -9.93 10.14 -15.84
N ASP A 14 -10.97 10.00 -16.66
CA ASP A 14 -11.90 8.87 -16.49
C ASP A 14 -11.25 7.54 -16.75
N LEU A 15 -10.42 7.42 -17.78
CA LEU A 15 -9.76 6.17 -18.07
C LEU A 15 -8.82 5.81 -16.89
N TRP A 16 -8.08 6.81 -16.43
CA TRP A 16 -7.22 6.69 -15.24
C TRP A 16 -8.07 6.08 -14.07
N ASN A 17 -9.15 6.74 -13.73
CA ASN A 17 -9.98 6.28 -12.60
C ASN A 17 -10.59 4.93 -12.77
N LYS A 18 -11.11 4.66 -13.95
CA LYS A 18 -11.66 3.36 -14.17
C LYS A 18 -10.64 2.25 -13.94
N ASN A 19 -9.39 2.50 -14.36
CA ASN A 19 -8.39 1.46 -14.30
C ASN A 19 -7.58 1.39 -12.99
N ILE A 20 -7.21 2.55 -12.44
CA ILE A 20 -6.38 2.55 -11.23
C ILE A 20 -6.90 3.44 -10.11
N GLY A 21 -8.16 3.89 -10.22
CA GLY A 21 -8.70 4.93 -9.36
C GLY A 21 -8.89 4.52 -7.92
N THR A 22 -8.98 3.23 -7.64
CA THR A 22 -9.11 2.73 -6.28
C THR A 22 -7.89 3.08 -5.44
N VAL A 23 -6.72 3.06 -6.03
CA VAL A 23 -5.49 3.32 -5.31
C VAL A 23 -4.85 4.64 -5.71
N TYR A 24 -5.15 5.17 -6.90
CA TYR A 24 -4.66 6.50 -7.32
C TYR A 24 -5.85 7.35 -7.83
N PRO A 25 -6.69 7.81 -6.90
CA PRO A 25 -7.85 8.52 -7.39
C PRO A 25 -7.44 9.86 -7.95
N MET A 26 -7.74 10.08 -9.22
CA MET A 26 -7.42 11.30 -9.91
C MET A 26 -8.65 12.21 -9.99
N ASN A 27 -8.46 13.52 -10.04
CA ASN A 27 -9.54 14.48 -10.32
CA ASN A 27 -9.57 14.36 -10.49
C ASN A 27 -9.04 15.44 -11.42
N LEU A 28 -9.96 16.19 -12.02
CA LEU A 28 -9.60 17.01 -13.16
C LEU A 28 -8.79 18.20 -12.66
N GLU A 29 -9.10 18.72 -11.49
CA GLU A 29 -8.36 19.83 -10.95
C GLU A 29 -6.86 19.48 -10.79
N LEU A 30 -6.58 18.35 -10.14
CA LEU A 30 -5.18 17.87 -10.08
C LEU A 30 -4.51 17.61 -11.42
N PHE A 31 -5.23 16.94 -12.29
CA PHE A 31 -4.69 16.58 -13.57
C PHE A 31 -4.29 17.84 -14.32
N LYS A 32 -5.22 18.79 -14.37
CA LYS A 32 -4.93 20.05 -15.09
C LYS A 32 -3.81 20.86 -14.47
N GLN A 33 -3.81 21.00 -13.15
CA GLN A 33 -2.76 21.68 -12.43
C GLN A 33 -1.37 21.13 -12.82
N ASN A 34 -1.19 19.83 -12.70
CA ASN A 34 0.10 19.21 -13.00
C ASN A 34 0.46 19.15 -14.49
N TYR A 35 -0.50 18.81 -15.36
CA TYR A 35 -0.16 18.78 -16.78
C TYR A 35 0.08 20.20 -17.32
N ILE A 36 -0.84 21.12 -17.02
CA ILE A 36 -0.76 22.44 -17.61
C ILE A 36 0.45 23.27 -17.12
N ASN A 37 0.79 23.16 -15.84
CA ASN A 37 1.85 24.00 -15.31
C ASN A 37 3.23 23.48 -15.61
N ASP A 38 3.32 22.27 -16.10
CA ASP A 38 4.64 21.68 -16.36
C ASP A 38 5.31 22.46 -17.48
N ARG A 39 6.62 22.72 -17.33
CA ARG A 39 7.33 23.60 -18.24
C ARG A 39 8.22 22.84 -19.23
N GLN A 40 8.21 21.51 -19.15
CA GLN A 40 9.08 20.68 -20.00
C GLN A 40 8.42 20.53 -21.37
N ARG A 41 9.20 20.11 -22.36
CA ARG A 41 8.66 19.56 -23.60
CA ARG A 41 8.60 19.62 -23.58
C ARG A 41 7.77 18.38 -23.23
N LYS A 42 6.47 18.45 -23.48
CA LYS A 42 5.55 17.42 -22.91
C LYS A 42 4.52 17.08 -23.98
N LYS A 43 3.95 15.89 -23.90
CA LYS A 43 2.95 15.41 -24.87
C LYS A 43 2.14 14.26 -24.26
N ILE A 44 0.90 14.16 -24.70
CA ILE A 44 0.05 13.00 -24.40
C ILE A 44 -0.33 12.38 -25.73
N MET A 45 0.02 11.12 -25.87
CA MET A 45 -0.35 10.35 -27.03
C MET A 45 -1.44 9.38 -26.59
N GLY A 46 -2.49 9.30 -27.40
CA GLY A 46 -3.65 8.47 -27.09
C GLY A 46 -3.74 7.35 -28.06
N ALA A 47 -4.39 6.29 -27.58
CA ALA A 47 -4.82 5.20 -28.46
C ALA A 47 -6.33 5.20 -28.54
N PHE A 48 -6.88 5.04 -29.74
CA PHE A 48 -8.31 5.24 -29.99
C PHE A 48 -8.92 4.10 -30.81
N ASN A 49 -10.11 3.72 -30.38
CA ASN A 49 -11.02 2.83 -31.10
C ASN A 49 -12.11 3.76 -31.60
N GLY A 50 -12.02 4.18 -32.86
CA GLY A 50 -12.89 5.23 -33.39
C GLY A 50 -12.72 6.50 -32.56
N GLU A 51 -13.78 7.01 -31.98
CA GLU A 51 -13.69 8.24 -31.19
C GLU A 51 -13.24 7.95 -29.79
N ILE A 52 -13.19 6.68 -29.42
CA ILE A 52 -13.04 6.29 -28.01
C ILE A 52 -11.58 6.11 -27.58
N LEU A 53 -11.16 6.93 -26.61
CA LEU A 53 -9.84 6.72 -25.97
C LEU A 53 -9.76 5.37 -25.25
N ILE A 54 -8.80 4.54 -25.64
CA ILE A 54 -8.57 3.24 -24.98
C ILE A 54 -7.20 3.09 -24.30
N GLY A 55 -6.34 4.09 -24.44
CA GLY A 55 -5.05 4.12 -23.78
C GLY A 55 -4.37 5.47 -23.95
N PHE A 56 -3.42 5.78 -23.09
CA PHE A 56 -2.62 7.02 -23.22
C PHE A 56 -1.26 6.87 -22.60
N VAL A 57 -0.31 7.66 -23.08
CA VAL A 57 1.00 7.84 -22.44
C VAL A 57 1.26 9.33 -22.33
N ILE A 58 1.70 9.76 -21.16
CA ILE A 58 2.18 11.11 -20.95
C ILE A 58 3.70 11.07 -20.79
N TYR A 59 4.40 11.92 -21.55
CA TYR A 59 5.86 11.82 -21.59
C TYR A 59 6.48 13.17 -21.82
N LYS A 60 7.72 13.30 -21.35
CA LYS A 60 8.41 14.58 -21.25
C LYS A 60 9.88 14.42 -21.49
N GLN A 61 10.51 15.48 -21.99
CA GLN A 61 11.96 15.58 -22.01
C GLN A 61 12.36 16.73 -21.09
N TRP A 62 13.51 16.58 -20.42
CA TRP A 62 14.04 17.65 -19.57
C TRP A 62 14.59 18.77 -20.43
N THR A 63 13.83 19.83 -20.56
CA THR A 63 14.20 20.97 -21.45
C THR A 63 14.07 22.32 -20.73
N TYR A 64 13.53 22.38 -19.52
CA TYR A 64 13.42 23.63 -18.77
C TYR A 64 14.38 23.61 -17.57
N LYS A 65 14.99 24.75 -17.27
CA LYS A 65 15.91 24.83 -16.16
C LYS A 65 15.27 24.33 -14.84
N SER A 66 16.14 23.88 -13.93
CA SER A 66 15.75 23.54 -12.58
C SER A 66 16.55 24.43 -11.60
N GLY A 67 15.98 25.57 -11.28
CA GLY A 67 16.65 26.54 -10.39
C GLY A 67 17.89 27.06 -11.07
N SER A 68 19.06 26.77 -10.54
CA SER A 68 20.32 27.20 -11.15
C SER A 68 20.85 26.16 -12.16
N LEU A 69 20.20 25.01 -12.24
CA LEU A 69 20.67 23.94 -13.11
C LEU A 69 20.05 24.05 -14.51
N LYS A 70 20.91 23.93 -15.52
CA LYS A 70 20.46 23.78 -16.88
C LYS A 70 19.76 22.43 -17.05
N PRO A 71 18.79 22.37 -17.99
CA PRO A 71 18.18 21.08 -18.30
C PRO A 71 19.22 20.11 -18.85
N ASN A 72 19.05 18.84 -18.54
CA ASN A 72 19.84 17.81 -19.16
C ASN A 72 18.94 17.11 -20.17
N HIS A 73 19.12 17.46 -21.45
CA HIS A 73 18.27 16.95 -22.52
C HIS A 73 18.41 15.47 -22.75
N LYS A 74 19.40 14.84 -22.15
CA LYS A 74 19.52 13.40 -22.25
C LYS A 74 18.48 12.64 -21.42
N ILE A 75 17.73 13.34 -20.58
CA ILE A 75 16.76 12.67 -19.68
C ILE A 75 15.35 12.85 -20.21
N GLY A 76 14.63 11.75 -20.35
CA GLY A 76 13.19 11.83 -20.60
C GLY A 76 12.41 11.00 -19.60
N TYR A 77 11.10 11.20 -19.59
CA TYR A 77 10.24 10.64 -18.53
C TYR A 77 8.95 10.12 -19.10
N ILE A 78 8.58 8.94 -18.62
CA ILE A 78 7.24 8.40 -18.79
C ILE A 78 6.46 8.81 -17.55
N ASN A 79 5.68 9.88 -17.67
CA ASN A 79 4.87 10.37 -16.53
C ASN A 79 3.90 9.30 -16.07
N SER A 80 3.25 8.68 -17.05
CA SER A 80 2.17 7.67 -16.84
C SER A 80 1.83 7.03 -18.19
N ILE A 81 1.36 5.80 -18.12
CA ILE A 81 0.89 5.05 -19.25
C ILE A 81 -0.15 4.09 -18.70
N ILE A 82 -1.34 4.14 -19.31
CA ILE A 82 -2.43 3.24 -18.92
C ILE A 82 -3.16 2.79 -20.19
N VAL A 83 -3.31 1.49 -20.34
CA VAL A 83 -4.20 0.96 -21.36
C VAL A 83 -5.46 0.45 -20.66
N ASP A 84 -6.64 0.75 -21.17
CA ASP A 84 -7.86 0.27 -20.57
C ASP A 84 -7.91 -1.24 -20.43
N ILE A 85 -8.43 -1.67 -19.28
CA ILE A 85 -8.52 -3.06 -18.90
C ILE A 85 -9.17 -3.95 -19.98
N ASN A 86 -10.10 -3.44 -20.76
CA ASN A 86 -10.73 -4.27 -21.80
C ASN A 86 -9.92 -4.41 -23.10
N PHE A 87 -8.74 -3.82 -23.14
CA PHE A 87 -7.92 -3.77 -24.35
C PHE A 87 -6.48 -4.13 -24.09
N ARG A 88 -6.22 -4.86 -23.01
CA ARG A 88 -4.84 -5.26 -22.67
C ARG A 88 -4.36 -6.40 -23.54
N HIS A 89 -3.04 -6.56 -23.62
CA HIS A 89 -2.41 -7.72 -24.27
C HIS A 89 -2.78 -7.79 -25.74
N GLN A 90 -2.94 -6.61 -26.35
CA GLN A 90 -3.14 -6.43 -27.80
C GLN A 90 -2.01 -5.60 -28.43
N GLY A 91 -0.99 -5.27 -27.63
CA GLY A 91 0.09 -4.46 -28.11
C GLY A 91 -0.10 -2.98 -28.13
N ILE A 92 -1.15 -2.47 -27.48
CA ILE A 92 -1.36 -1.02 -27.46
C ILE A 92 -0.37 -0.32 -26.57
N GLY A 93 -0.05 -0.89 -25.41
CA GLY A 93 0.98 -0.26 -24.57
C GLY A 93 2.29 -0.16 -25.30
N THR A 94 2.66 -1.26 -25.99
CA THR A 94 3.87 -1.28 -26.77
C THR A 94 3.85 -0.21 -27.85
N LYS A 95 2.75 -0.07 -28.57
CA LYS A 95 2.65 0.96 -29.60
C LYS A 95 2.81 2.37 -29.04
N LEU A 96 2.10 2.65 -27.95
CA LEU A 96 2.19 3.94 -27.30
C LEU A 96 3.59 4.27 -26.85
N LEU A 97 4.24 3.32 -26.17
CA LEU A 97 5.60 3.58 -25.69
C LEU A 97 6.63 3.60 -26.81
N ASP A 98 6.42 2.80 -27.86
CA ASP A 98 7.29 2.90 -29.05
C ASP A 98 7.26 4.30 -29.65
N ALA A 99 6.08 4.88 -29.77
CA ALA A 99 5.93 6.20 -30.29
C ALA A 99 6.61 7.26 -29.44
N ALA A 100 6.30 7.21 -28.13
CA ALA A 100 6.85 8.19 -27.17
C ALA A 100 8.37 8.08 -27.14
N GLU A 101 8.87 6.87 -26.91
CA GLU A 101 10.31 6.66 -26.84
C GLU A 101 10.97 7.12 -28.13
N GLU A 102 10.43 6.75 -29.28
CA GLU A 102 11.03 7.19 -30.57
C GLU A 102 11.11 8.72 -30.68
N GLU A 103 10.03 9.41 -30.32
CA GLU A 103 10.07 10.86 -30.32
CA GLU A 103 10.06 10.87 -30.31
C GLU A 103 11.17 11.41 -29.41
N LEU A 104 11.27 10.84 -28.21
CA LEU A 104 12.21 11.34 -27.20
C LEU A 104 13.64 11.08 -27.66
N ILE A 105 13.90 9.88 -28.17
CA ILE A 105 15.22 9.51 -28.62
C ILE A 105 15.63 10.44 -29.79
N ASN A 106 14.70 10.76 -30.66
CA ASN A 106 15.03 11.59 -31.83
C ASN A 106 15.31 13.04 -31.39
N SER A 107 14.83 13.45 -30.22
CA SER A 107 15.19 14.78 -29.72
C SER A 107 16.34 14.76 -28.72
N GLY A 108 17.05 13.63 -28.66
CA GLY A 108 18.30 13.55 -27.91
C GLY A 108 18.30 12.86 -26.57
N VAL A 109 17.17 12.23 -26.20
CA VAL A 109 17.12 11.48 -24.94
C VAL A 109 17.97 10.24 -25.00
N LYS A 110 18.76 9.98 -23.93
CA LYS A 110 19.47 8.71 -23.77
C LYS A 110 19.12 7.90 -22.54
N ILE A 111 18.40 8.51 -21.61
CA ILE A 111 18.03 7.87 -20.34
C ILE A 111 16.52 8.16 -20.17
N LEU A 112 15.75 7.08 -20.09
CA LEU A 112 14.30 7.15 -19.95
C LEU A 112 13.90 6.68 -18.51
N ARG A 113 13.16 7.52 -17.80
CA ARG A 113 12.79 7.30 -16.41
C ARG A 113 11.29 7.06 -16.29
N CYS A 114 10.95 6.10 -15.44
CA CYS A 114 9.56 5.86 -15.08
C CYS A 114 9.21 6.79 -13.95
N GLY A 115 8.28 7.70 -14.22
CA GLY A 115 8.01 8.72 -13.22
C GLY A 115 9.18 9.60 -12.86
N SER A 116 9.01 10.32 -11.77
CA SER A 116 10.03 11.21 -11.18
C SER A 116 10.19 12.55 -11.91
N ASP A 117 9.28 12.83 -12.86
CA ASP A 117 9.32 14.08 -13.60
C ASP A 117 8.91 15.23 -12.69
N THR A 118 9.04 16.45 -13.21
CA THR A 118 8.42 17.60 -12.59
C THR A 118 6.91 17.42 -12.71
N TYR A 119 6.17 17.96 -11.74
CA TYR A 119 4.70 17.76 -11.67
C TYR A 119 4.33 16.28 -11.94
N HIS A 120 5.11 15.39 -11.37
CA HIS A 120 4.90 13.98 -11.50
C HIS A 120 3.58 13.58 -10.84
N PHE A 121 3.11 12.40 -11.23
CA PHE A 121 2.14 11.69 -10.43
C PHE A 121 2.78 10.58 -9.56
N PHE A 122 3.90 10.04 -10.01
CA PHE A 122 4.54 8.94 -9.35
C PHE A 122 6.05 9.18 -9.25
N PRO A 123 6.65 8.91 -8.07
CA PRO A 123 8.11 8.83 -7.97
C PRO A 123 8.81 7.73 -8.73
N GLY A 124 8.03 6.75 -9.13
CA GLY A 124 8.52 5.53 -9.79
C GLY A 124 7.31 4.63 -10.10
N ILE A 125 7.54 3.37 -10.50
CA ILE A 125 6.46 2.46 -10.75
C ILE A 125 5.78 2.04 -9.44
N PRO A 126 4.51 2.39 -9.28
CA PRO A 126 3.84 2.05 -8.04
C PRO A 126 3.78 0.57 -7.80
N LEU A 127 3.84 0.18 -6.53
CA LEU A 127 3.70 -1.23 -6.16
C LEU A 127 2.35 -1.78 -6.67
N GLU A 128 1.31 -0.93 -6.62
CA GLU A 128 0.01 -1.33 -7.15
C GLU A 128 0.06 -1.68 -8.65
N CYS A 129 1.09 -1.22 -9.35
CA CYS A 129 1.37 -1.48 -10.75
C CYS A 129 2.54 -2.40 -10.90
N LEU A 130 2.75 -3.24 -9.87
CA LEU A 130 3.90 -4.12 -9.91
C LEU A 130 3.88 -4.99 -11.20
N PRO A 131 2.70 -5.43 -11.68
CA PRO A 131 2.78 -6.31 -12.87
C PRO A 131 3.36 -5.61 -14.12
N SER A 132 3.30 -4.27 -14.15
CA SER A 132 3.88 -3.51 -15.22
C SER A 132 5.38 -3.56 -15.23
N GLU A 133 6.00 -3.92 -14.11
CA GLU A 133 7.46 -3.96 -14.10
C GLU A 133 7.92 -4.88 -15.22
N GLU A 134 7.22 -5.99 -15.45
CA GLU A 134 7.64 -6.94 -16.50
C GLU A 134 7.51 -6.33 -17.87
N PHE A 135 6.47 -5.50 -18.02
CA PHE A 135 6.26 -4.78 -19.28
C PHE A 135 7.45 -3.89 -19.55
N PHE A 136 7.87 -3.14 -18.51
CA PHE A 136 9.02 -2.29 -18.66
C PHE A 136 10.34 -3.05 -18.81
N LEU A 137 10.54 -4.16 -18.09
CA LEU A 137 11.70 -5.01 -18.30
C LEU A 137 11.85 -5.48 -19.72
N VAL A 138 10.80 -5.95 -20.34
CA VAL A 138 10.86 -6.44 -21.74
C VAL A 138 11.42 -5.35 -22.70
N ARG A 139 11.12 -4.09 -22.41
CA ARG A 139 11.56 -2.97 -23.20
C ARG A 139 12.96 -2.45 -22.88
N GLY A 140 13.62 -3.03 -21.88
CA GLY A 140 14.99 -2.73 -21.50
C GLY A 140 15.10 -1.74 -20.33
N TYR A 141 14.02 -1.46 -19.59
CA TYR A 141 14.14 -0.70 -18.36
C TYR A 141 14.70 -1.63 -17.30
N LYS A 142 15.58 -1.07 -16.47
CA LYS A 142 16.15 -1.79 -15.36
C LYS A 142 15.48 -1.39 -14.08
N MET A 143 15.08 -2.37 -13.28
CA MET A 143 14.42 -2.08 -12.00
C MET A 143 15.46 -1.79 -10.91
N GLN A 144 15.34 -0.65 -10.22
CA GLN A 144 16.33 -0.24 -9.25
C GLN A 144 15.67 -0.32 -7.84
N ASP A 145 15.92 0.70 -7.04
CA ASP A 145 15.61 0.87 -5.62
CA ASP A 145 15.49 0.63 -5.64
C ASP A 145 14.18 1.40 -5.47
N TYR A 146 13.70 1.54 -4.23
CA TYR A 146 12.36 2.02 -3.95
C TYR A 146 12.31 3.34 -3.21
N PHE A 147 11.23 4.07 -3.44
CA PHE A 147 10.87 5.23 -2.69
C PHE A 147 9.53 4.96 -2.07
N TYR A 148 9.18 5.72 -1.03
CA TYR A 148 7.95 5.52 -0.31
C TYR A 148 7.18 6.81 -0.04
N ASP A 149 5.87 6.69 0.00
CA ASP A 149 5.05 7.70 0.68
C ASP A 149 4.73 7.09 2.04
N LEU A 150 4.76 7.92 3.07
CA LEU A 150 4.42 7.50 4.43
C LEU A 150 3.09 8.16 4.82
N ILE A 151 2.36 7.52 5.73
CA ILE A 151 1.11 8.06 6.27
C ILE A 151 1.10 7.97 7.78
N GLY A 152 0.42 8.94 8.41
CA GLY A 152 0.15 8.90 9.82
C GLY A 152 -1.02 9.79 10.18
N ASP A 153 -1.54 9.62 11.40
CA ASP A 153 -2.70 10.41 11.81
C ASP A 153 -2.22 11.23 12.99
N VAL A 154 -1.93 12.49 12.70
CA VAL A 154 -1.25 13.38 13.62
C VAL A 154 -2.19 13.73 14.80
N SER A 155 -3.48 13.43 14.67
CA SER A 155 -4.41 13.66 15.80
C SER A 155 -4.33 12.60 16.89
N LYS A 156 -3.66 11.48 16.64
CA LYS A 156 -3.76 10.30 17.52
CA LYS A 156 -3.73 10.27 17.50
C LYS A 156 -2.64 10.24 18.56
N VAL A 157 -1.58 11.04 18.38
CA VAL A 157 -0.36 10.92 19.16
C VAL A 157 0.17 12.31 19.56
N ASP A 158 0.93 12.37 20.64
CA ASP A 158 1.59 13.59 21.09
C ASP A 158 3.06 13.23 21.30
N PHE A 159 3.95 14.18 21.03
CA PHE A 159 5.39 13.95 21.38
C PHE A 159 5.94 15.10 22.21
N LYS A 160 6.97 14.80 22.99
CA LYS A 160 7.76 15.80 23.71
C LYS A 160 8.55 16.57 22.65
N LYS A 161 8.68 17.86 22.84
CA LYS A 161 9.52 18.70 22.00
C LYS A 161 10.96 18.24 22.08
N PRO A 162 11.61 17.93 20.95
CA PRO A 162 13.04 17.55 21.05
C PRO A 162 13.94 18.70 21.53
N SER A 163 15.08 18.38 22.13
CA SER A 163 15.96 19.42 22.68
C SER A 163 16.87 19.86 21.58
N ILE A 164 17.21 21.13 21.66
CA ILE A 164 18.02 21.79 20.68
C ILE A 164 18.81 22.88 21.43
N LYS A 165 20.04 23.13 20.99
CA LYS A 165 20.79 24.38 21.24
C LYS A 165 19.97 25.67 21.15
N ASP A 166 20.44 26.72 21.82
CA ASP A 166 19.77 28.03 21.89
C ASP A 166 19.99 28.77 20.59
N GLY A 167 19.04 29.62 20.25
CA GLY A 167 19.19 30.56 19.13
C GLY A 167 18.38 30.17 17.90
N PHE A 168 17.79 28.99 17.93
CA PHE A 168 16.92 28.55 16.82
C PHE A 168 15.48 28.74 17.17
N LYS A 169 14.66 28.97 16.16
CA LYS A 169 13.25 29.26 16.31
C LYS A 169 12.54 28.87 15.00
N VAL A 170 11.35 28.32 15.12
CA VAL A 170 10.60 27.82 13.97
C VAL A 170 9.31 28.60 13.95
N ASN A 171 8.89 29.08 12.80
CA ASN A 171 7.60 29.77 12.69
C ASN A 171 7.08 29.61 11.28
N VAL A 172 5.76 29.72 11.10
CA VAL A 172 5.16 29.76 9.79
CA VAL A 172 5.20 29.76 9.77
C VAL A 172 5.77 30.97 9.05
N MET A 173 6.00 30.80 7.76
CA MET A 173 6.48 31.85 6.92
C MET A 173 5.62 33.12 6.90
N LYS A 174 6.29 34.27 6.97
CA LYS A 174 5.63 35.54 6.79
C LYS A 174 6.05 36.14 5.48
N PRO A 175 5.25 37.09 4.98
CA PRO A 175 5.55 37.67 3.66
C PRO A 175 6.94 38.26 3.55
N GLU A 176 7.39 38.89 4.63
CA GLU A 176 8.72 39.47 4.67
C GLU A 176 9.86 38.43 4.69
N ASP A 177 9.54 37.14 4.89
CA ASP A 177 10.54 36.07 4.82
C ASP A 177 10.91 35.61 3.39
N ARG A 178 10.15 36.07 2.38
CA ARG A 178 10.33 35.55 1.03
C ARG A 178 11.74 35.69 0.47
N LYS A 179 12.33 36.87 0.64
CA LYS A 179 13.67 37.13 0.13
C LYS A 179 14.69 36.24 0.83
N GLY A 180 14.60 36.14 2.15
CA GLY A 180 15.45 35.22 2.91
C GLY A 180 15.30 33.76 2.51
N LEU A 181 14.07 33.34 2.26
CA LEU A 181 13.81 31.96 1.83
C LEU A 181 14.52 31.69 0.48
N PHE A 182 14.30 32.58 -0.46
CA PHE A 182 14.94 32.39 -1.76
C PHE A 182 16.47 32.41 -1.71
N GLU A 183 17.04 33.32 -0.92
CA GLU A 183 18.49 33.34 -0.75
C GLU A 183 18.99 32.02 -0.19
N PHE A 184 18.25 31.48 0.79
CA PHE A 184 18.58 30.20 1.39
C PHE A 184 18.49 29.05 0.36
N LEU A 185 17.44 29.04 -0.46
CA LEU A 185 17.25 27.95 -1.43
C LEU A 185 18.38 28.05 -2.49
N GLU A 186 18.74 29.25 -2.89
CA GLU A 186 19.84 29.42 -3.90
C GLU A 186 21.15 28.87 -3.36
N LYS A 187 21.35 28.99 -2.05
CA LYS A 187 22.53 28.49 -1.42
C LYS A 187 22.46 27.02 -1.22
N SER A 188 21.31 26.48 -0.76
CA SER A 188 21.31 25.10 -0.21
C SER A 188 20.53 24.10 -1.03
N PHE A 189 19.54 24.57 -1.78
CA PHE A 189 18.71 23.64 -2.55
C PHE A 189 18.40 24.24 -3.90
N SER A 190 19.44 24.47 -4.71
CA SER A 190 19.30 25.40 -5.82
C SER A 190 18.83 24.73 -7.11
N GLY A 191 18.51 23.44 -7.04
CA GLY A 191 17.91 22.73 -8.18
C GLY A 191 16.39 22.65 -8.09
N ARG A 192 15.88 21.42 -8.03
CA ARG A 192 14.43 21.21 -8.06
C ARG A 192 13.60 21.96 -7.03
N TRP A 193 14.05 22.02 -5.78
CA TRP A 193 13.22 22.66 -4.77
C TRP A 193 13.17 24.15 -4.97
N LEU A 194 14.29 24.75 -5.35
CA LEU A 194 14.27 26.16 -5.73
C LEU A 194 13.26 26.39 -6.87
N GLU A 195 13.34 25.57 -7.91
CA GLU A 195 12.46 25.74 -9.05
C GLU A 195 10.98 25.62 -8.64
N GLU A 196 10.70 24.65 -7.80
CA GLU A 196 9.35 24.48 -7.34
C GLU A 196 8.90 25.64 -6.49
N PHE A 197 9.74 26.16 -5.62
CA PHE A 197 9.28 27.36 -4.91
C PHE A 197 8.95 28.50 -5.84
N ILE A 198 9.79 28.68 -6.86
CA ILE A 198 9.53 29.75 -7.85
C ILE A 198 8.20 29.53 -8.51
N GLU A 199 7.95 28.32 -8.96
CA GLU A 199 6.78 28.04 -9.79
C GLU A 199 5.53 27.92 -8.96
N PHE A 200 5.63 27.28 -7.78
CA PHE A 200 4.46 26.97 -7.01
C PHE A 200 3.88 28.25 -6.44
N PHE A 201 4.74 29.20 -6.10
CA PHE A 201 4.24 30.48 -5.60
C PHE A 201 3.44 31.27 -6.67
N GLN A 202 3.65 30.92 -7.94
CA GLN A 202 2.83 31.51 -9.03
C GLN A 202 1.49 30.84 -9.29
N VAL A 203 1.20 29.65 -8.73
CA VAL A 203 -0.06 28.98 -8.98
C VAL A 203 -0.71 28.54 -7.68
N GLY A 204 -0.57 29.37 -6.65
CA GLY A 204 -1.42 29.29 -5.47
C GLY A 204 -0.82 28.85 -4.16
N MET A 205 0.46 28.53 -4.13
CA MET A 205 1.07 28.22 -2.85
C MET A 205 1.12 29.53 -2.05
N LYS A 206 0.87 29.44 -0.77
CA LYS A 206 0.78 30.62 0.10
C LYS A 206 1.82 30.50 1.18
N GLU A 207 2.13 31.62 1.81
CA GLU A 207 3.08 31.59 2.89
C GLU A 207 2.65 30.65 4.03
N ARG A 208 1.35 30.56 4.29
CA ARG A 208 0.85 29.69 5.37
C ARG A 208 1.19 28.22 5.12
N ASP A 209 1.55 27.86 3.88
CA ASP A 209 1.95 26.47 3.56
C ASP A 209 3.44 26.15 3.83
N ILE A 210 4.19 27.13 4.32
CA ILE A 210 5.64 26.98 4.54
C ILE A 210 6.01 27.29 5.96
N VAL A 211 6.73 26.37 6.57
CA VAL A 211 7.33 26.54 7.90
C VAL A 211 8.84 26.76 7.80
N LEU A 212 9.36 27.77 8.50
CA LEU A 212 10.76 28.14 8.41
C LEU A 212 11.45 27.93 9.72
N ILE A 213 12.68 27.44 9.67
CA ILE A 213 13.51 27.42 10.85
C ILE A 213 14.65 28.40 10.66
N LYS A 214 14.86 29.24 11.67
CA LYS A 214 15.90 30.28 11.68
C LYS A 214 16.94 30.06 12.77
N TYR A 215 18.17 30.45 12.46
CA TYR A 215 19.17 30.67 13.49
C TYR A 215 19.30 32.17 13.57
N LYS A 216 18.87 32.73 14.71
CA LYS A 216 18.71 34.16 14.85
C LYS A 216 17.90 34.72 13.67
N THR A 217 18.44 35.62 12.87
CA THR A 217 17.63 36.14 11.78
C THR A 217 17.76 35.33 10.45
N SER A 218 18.57 34.28 10.41
CA SER A 218 18.89 33.63 9.11
C SER A 218 18.04 32.38 8.93
N VAL A 219 17.42 32.24 7.77
CA VAL A 219 16.71 31.00 7.35
C VAL A 219 17.73 29.89 7.16
N ILE A 220 17.56 28.79 7.88
CA ILE A 220 18.46 27.62 7.73
C ILE A 220 17.70 26.31 7.34
N GLY A 221 16.38 26.40 7.19
CA GLY A 221 15.63 25.28 6.68
C GLY A 221 14.16 25.59 6.52
N PHE A 222 13.42 24.65 5.93
CA PHE A 222 12.00 24.88 5.63
C PHE A 222 11.29 23.54 5.57
N SER A 223 9.97 23.61 5.72
CA SER A 223 9.11 22.57 5.23
C SER A 223 7.93 23.18 4.48
N HIS A 224 7.33 22.39 3.59
CA HIS A 224 6.08 22.67 2.96
C HIS A 224 5.01 21.74 3.59
N ILE A 225 4.01 22.35 4.19
CA ILE A 225 2.90 21.63 4.80
C ILE A 225 1.59 21.89 4.05
N TYR A 226 0.68 20.94 4.15
CA TYR A 226 -0.56 20.95 3.38
C TYR A 226 -1.71 20.61 4.34
N ASP A 227 -2.83 21.27 4.09
CA ASP A 227 -4.10 20.88 4.72
C ASP A 227 -5.20 21.15 3.71
N ASN A 228 -6.47 21.00 4.15
CA ASN A 228 -7.55 21.16 3.21
C ASN A 228 -7.84 22.59 2.83
N LYS A 229 -7.03 23.55 3.27
CA LYS A 229 -7.18 24.89 2.77
C LYS A 229 -6.11 25.21 1.74
N SER A 230 -5.11 24.37 1.59
CA SER A 230 -4.11 24.65 0.55
C SER A 230 -4.77 24.77 -0.83
N SER A 231 -4.38 25.79 -1.58
CA SER A 231 -4.86 25.95 -2.96
C SER A 231 -4.03 25.08 -3.90
N PHE A 232 -2.72 25.04 -3.66
CA PHE A 232 -1.85 24.27 -4.51
C PHE A 232 -1.85 22.81 -4.06
N ILE A 233 -2.13 21.90 -4.99
CA ILE A 233 -2.20 20.51 -4.64
C ILE A 233 -0.88 19.83 -4.89
N GLY A 234 -0.06 19.70 -3.85
CA GLY A 234 1.23 19.06 -3.99
C GLY A 234 1.21 17.58 -3.75
N PRO A 235 2.34 16.92 -4.00
CA PRO A 235 2.36 15.44 -3.95
C PRO A 235 1.83 14.84 -2.64
N PRO A 236 2.12 15.44 -1.47
CA PRO A 236 1.60 14.77 -0.27
C PRO A 236 0.09 14.67 -0.26
N ILE A 237 -0.58 15.57 -0.97
CA ILE A 237 -2.04 15.52 -1.01
C ILE A 237 -2.67 15.18 -2.36
N TYR A 238 -1.91 14.55 -3.24
CA TYR A 238 -2.46 14.14 -4.50
C TYR A 238 -3.63 13.18 -4.22
N TRP A 239 -3.39 12.20 -3.35
CA TRP A 239 -4.36 11.13 -3.14
C TRP A 239 -5.23 11.38 -1.91
N LYS A 240 -5.54 12.66 -1.71
CA LYS A 240 -6.40 13.13 -0.64
C LYS A 240 -7.76 12.49 -0.53
N ALA A 241 -8.29 11.98 -1.67
CA ALA A 241 -9.53 11.20 -1.62
C ALA A 241 -9.43 9.96 -0.72
N LEU A 242 -8.23 9.44 -0.51
CA LEU A 242 -8.02 8.29 0.36
C LEU A 242 -7.80 8.70 1.80
N LEU A 243 -7.68 9.98 2.10
CA LEU A 243 -7.17 10.41 3.41
C LEU A 243 -8.27 10.88 4.38
N GLY A 244 -9.50 10.92 3.93
CA GLY A 244 -10.58 11.41 4.78
C GLY A 244 -10.69 12.91 4.90
N HIS A 245 -11.48 13.34 5.89
CA HIS A 245 -11.63 14.75 6.15
C HIS A 245 -10.43 15.17 6.98
N ASN A 246 -10.11 16.43 6.88
CA ASN A 246 -9.03 17.04 7.62
C ASN A 246 -7.68 16.40 7.29
N TYR A 247 -7.56 15.99 6.04
CA TYR A 247 -6.29 15.52 5.47
C TYR A 247 -5.19 16.56 5.51
N GLY A 248 -3.96 16.05 5.44
CA GLY A 248 -2.86 16.91 5.20
C GLY A 248 -1.63 16.20 4.71
N GLY A 249 -0.50 16.90 4.81
CA GLY A 249 0.73 16.40 4.21
C GLY A 249 1.92 17.25 4.50
N LEU A 250 3.09 16.66 4.34
CA LEU A 250 4.34 17.35 4.62
C LEU A 250 5.42 16.90 3.68
N GLY A 251 5.97 17.82 2.88
CA GLY A 251 7.13 17.51 2.04
C GLY A 251 7.20 18.49 0.87
N PRO A 252 8.38 18.92 0.48
CA PRO A 252 9.65 18.53 1.06
C PRO A 252 10.00 19.22 2.38
N ILE A 253 11.08 18.74 2.99
CA ILE A 253 11.68 19.39 4.16
C ILE A 253 13.21 19.38 3.97
N GLY A 254 13.84 20.45 4.36
CA GLY A 254 15.28 20.55 4.15
C GLY A 254 15.96 21.50 5.10
N ILE A 255 17.16 21.15 5.50
CA ILE A 255 17.96 21.91 6.45
C ILE A 255 19.29 22.18 5.75
N ASP A 256 19.78 23.40 5.84
CA ASP A 256 21.09 23.75 5.28
C ASP A 256 22.10 22.67 5.64
N LYS A 257 22.89 22.21 4.67
CA LYS A 257 23.86 21.13 4.91
C LYS A 257 24.76 21.32 6.11
N THR A 258 25.25 22.54 6.33
CA THR A 258 26.14 22.80 7.48
C THR A 258 25.44 22.68 8.84
N TYR A 259 24.11 22.62 8.86
CA TYR A 259 23.38 22.54 10.09
C TYR A 259 22.78 21.17 10.37
N ARG A 260 23.13 20.19 9.57
CA ARG A 260 22.46 18.90 9.63
C ARG A 260 23.08 18.09 10.77
N LYS A 261 22.36 17.04 11.20
CA LYS A 261 22.83 16.12 12.25
C LYS A 261 23.06 16.72 13.63
N GLN A 262 22.30 17.77 13.96
CA GLN A 262 22.27 18.38 15.29
C GLN A 262 20.86 18.35 15.85
N GLY A 263 19.96 17.56 15.30
CA GLY A 263 18.57 17.53 15.76
C GLY A 263 17.66 18.65 15.27
N LEU A 264 18.11 19.47 14.33
CA LEU A 264 17.29 20.59 13.87
C LEU A 264 16.20 20.14 12.91
N GLY A 265 16.51 19.17 12.06
CA GLY A 265 15.41 18.60 11.26
C GLY A 265 14.30 17.97 12.13
N ARG A 266 14.68 17.36 13.23
CA ARG A 266 13.69 16.75 14.13
C ARG A 266 12.85 17.87 14.73
N LEU A 267 13.50 18.95 15.11
CA LEU A 267 12.78 20.06 15.67
C LEU A 267 11.86 20.66 14.63
N LEU A 268 12.34 20.92 13.43
CA LEU A 268 11.46 21.46 12.38
C LEU A 268 10.25 20.56 12.07
N LEU A 269 10.49 19.27 12.05
CA LEU A 269 9.43 18.30 11.75
C LEU A 269 8.41 18.34 12.89
N TYR A 270 8.92 18.24 14.11
CA TYR A 270 8.05 18.37 15.29
C TYR A 270 7.16 19.60 15.23
N GLU A 271 7.73 20.78 14.97
CA GLU A 271 6.96 22.01 15.02
C GLU A 271 6.00 22.11 13.85
N SER A 272 6.42 21.59 12.71
CA SER A 272 5.56 21.54 11.52
C SER A 272 4.32 20.69 11.78
N LEU A 273 4.56 19.55 12.43
CA LEU A 273 3.50 18.65 12.82
C LEU A 273 2.59 19.25 13.88
N GLN A 274 3.17 20.01 14.83
CA GLN A 274 2.34 20.72 15.79
C GLN A 274 1.44 21.70 15.12
N ILE A 275 1.97 22.45 14.14
CA ILE A 275 1.16 23.38 13.35
C ILE A 275 -0.03 22.68 12.70
N LEU A 276 0.24 21.57 12.04
CA LEU A 276 -0.80 20.83 11.38
C LEU A 276 -1.83 20.30 12.39
N LYS A 277 -1.33 19.80 13.52
CA LYS A 277 -2.20 19.24 14.57
C LYS A 277 -3.15 20.32 15.02
N LYS A 278 -2.63 21.53 15.20
CA LYS A 278 -3.47 22.63 15.66
C LYS A 278 -4.40 23.13 14.58
N ARG A 279 -4.10 22.82 13.32
CA ARG A 279 -5.01 23.04 12.24
C ARG A 279 -6.07 21.93 12.11
N GLU A 280 -6.10 21.01 13.07
CA GLU A 280 -7.06 19.90 13.10
C GLU A 280 -6.84 18.84 12.02
N VAL A 281 -5.63 18.78 11.49
CA VAL A 281 -5.30 17.69 10.55
C VAL A 281 -5.32 16.35 11.26
N LYS A 282 -5.76 15.31 10.53
CA LYS A 282 -5.78 13.94 11.02
C LYS A 282 -4.85 13.15 10.13
N LYS A 283 -5.32 12.43 9.12
CA LYS A 283 -4.41 11.61 8.31
C LYS A 283 -3.64 12.50 7.33
N MET A 284 -2.34 12.28 7.23
CA MET A 284 -1.49 13.08 6.39
C MET A 284 -0.32 12.22 5.88
N VAL A 285 0.20 12.68 4.74
CA VAL A 285 1.24 11.98 4.04
C VAL A 285 2.56 12.75 3.98
N ILE A 286 3.62 11.96 4.05
CA ILE A 286 4.95 12.37 3.75
C ILE A 286 5.38 11.72 2.44
N ASP A 287 5.69 12.52 1.42
CA ASP A 287 5.86 11.97 0.10
C ASP A 287 7.28 11.63 -0.29
N TRP A 288 7.43 10.62 -1.16
CA TRP A 288 8.67 10.40 -1.90
C TRP A 288 9.93 10.44 -0.98
N THR A 289 10.00 9.45 -0.08
CA THR A 289 11.11 9.28 0.86
C THR A 289 11.92 8.06 0.48
N GLU A 290 13.11 7.96 1.06
CA GLU A 290 14.03 6.84 0.83
C GLU A 290 14.01 5.99 2.07
N LYS A 291 14.33 4.72 1.88
CA LYS A 291 14.29 3.73 2.98
C LYS A 291 15.06 4.21 4.21
N ASP A 292 16.25 4.79 4.02
CA ASP A 292 17.15 5.15 5.14
C ASP A 292 16.62 6.30 5.93
N ILE A 293 15.62 7.00 5.42
CA ILE A 293 15.05 8.15 6.17
C ILE A 293 13.70 7.86 6.78
N ILE A 294 13.14 6.66 6.52
CA ILE A 294 11.81 6.36 7.07
C ILE A 294 11.77 6.53 8.58
N ASN A 295 12.81 6.05 9.27
CA ASN A 295 12.77 6.09 10.75
C ASN A 295 12.74 7.48 11.40
N PHE A 296 13.24 8.47 10.68
CA PHE A 296 13.17 9.87 11.09
C PHE A 296 11.70 10.25 11.28
N TYR A 297 10.88 9.86 10.31
CA TYR A 297 9.44 10.10 10.37
C TYR A 297 8.73 9.06 11.26
N GLY A 298 9.25 7.85 11.25
CA GLY A 298 8.77 6.73 12.06
C GLY A 298 8.65 7.03 13.55
N ARG A 299 9.53 7.87 14.05
CA ARG A 299 9.55 8.14 15.47
C ARG A 299 8.37 9.03 15.78
N PHE A 300 7.84 9.71 14.76
CA PHE A 300 6.59 10.43 14.88
C PHE A 300 5.33 9.65 14.46
N ASN A 301 5.46 8.32 14.40
CA ASN A 301 4.37 7.39 14.12
C ASN A 301 3.95 7.30 12.63
N PHE A 302 4.77 7.78 11.70
CA PHE A 302 4.51 7.57 10.26
C PHE A 302 4.97 6.19 9.85
N MET A 303 4.24 5.62 8.90
CA MET A 303 4.50 4.31 8.41
C MET A 303 4.48 4.36 6.86
N PRO A 304 5.33 3.55 6.20
CA PRO A 304 5.19 3.38 4.78
C PRO A 304 3.75 3.02 4.37
N TRP A 305 3.25 3.68 3.32
CA TRP A 305 1.87 3.57 2.83
C TRP A 305 1.90 3.12 1.38
N LYS A 306 2.75 3.74 0.55
CA LYS A 306 2.85 3.42 -0.88
C LYS A 306 4.30 3.28 -1.20
N ALA A 307 4.63 2.39 -2.11
CA ALA A 307 6.00 2.20 -2.56
C ALA A 307 6.10 2.31 -4.07
N TYR A 308 7.23 2.85 -4.54
CA TYR A 308 7.43 3.09 -5.95
C TYR A 308 8.81 2.62 -6.33
N ARG A 309 8.92 1.93 -7.43
CA ARG A 309 10.23 1.45 -7.86
C ARG A 309 10.81 2.31 -8.94
N LYS A 310 12.03 2.75 -8.69
CA LYS A 310 12.81 3.48 -9.67
C LYS A 310 13.11 2.55 -10.83
N ALA A 311 12.94 3.05 -12.05
CA ALA A 311 13.20 2.24 -13.23
C ALA A 311 13.68 3.10 -14.38
N THR A 312 14.77 2.63 -15.00
CA THR A 312 15.54 3.44 -15.98
C THR A 312 15.94 2.58 -17.18
N LYS A 313 15.67 3.10 -18.39
CA LYS A 313 16.12 2.51 -19.65
C LYS A 313 17.24 3.37 -20.25
N GLU A 314 18.37 2.74 -20.53
CA GLU A 314 19.46 3.40 -21.24
C GLU A 314 19.34 3.11 -22.71
N VAL A 315 19.32 4.16 -23.51
CA VAL A 315 19.12 3.99 -24.94
C VAL A 315 20.41 3.46 -25.51
N LYS A 316 20.35 2.35 -26.25
CA LYS A 316 21.55 1.71 -26.81
C LYS A 316 22.35 2.62 -27.75
N MET B 1 8.40 -1.68 34.55
CA MET B 1 8.01 -2.42 33.32
C MET B 1 7.97 -3.91 33.65
N GLU B 2 6.76 -4.46 33.68
CA GLU B 2 6.57 -5.89 33.90
C GLU B 2 6.08 -6.55 32.63
N ILE B 3 6.54 -7.76 32.39
CA ILE B 3 6.06 -8.59 31.30
C ILE B 3 5.20 -9.66 31.92
N LYS B 4 3.93 -9.72 31.55
CA LYS B 4 3.06 -10.79 32.03
C LYS B 4 1.94 -11.06 31.06
N GLU B 5 1.29 -12.18 31.25
CA GLU B 5 0.25 -12.60 30.38
C GLU B 5 -0.96 -11.70 30.50
N THR B 6 -1.61 -11.41 29.37
CA THR B 6 -2.79 -10.58 29.36
C THR B 6 -3.89 -11.10 28.47
N TYR B 7 -5.13 -10.83 28.88
CA TYR B 7 -6.28 -11.05 28.02
C TYR B 7 -7.17 -9.85 27.97
N ASP B 8 -6.61 -8.66 28.16
CA ASP B 8 -7.36 -7.42 28.00
C ASP B 8 -7.42 -7.03 26.54
N PHE B 9 -8.36 -7.62 25.84
CA PHE B 9 -8.55 -7.40 24.43
C PHE B 9 -8.85 -5.95 24.02
N SER B 10 -9.72 -5.25 24.75
CA SER B 10 -9.91 -3.81 24.51
C SER B 10 -8.63 -2.99 24.53
N SER B 11 -7.80 -3.17 25.55
CA SER B 11 -6.55 -2.43 25.64
C SER B 11 -5.60 -2.74 24.48
N ILE B 12 -5.52 -4.00 24.10
CA ILE B 12 -4.73 -4.41 22.95
C ILE B 12 -5.21 -3.76 21.66
N VAL B 13 -6.51 -3.77 21.45
CA VAL B 13 -7.09 -3.18 20.24
C VAL B 13 -6.84 -1.66 20.22
N ASP B 14 -7.09 -0.97 21.33
CA ASP B 14 -6.74 0.45 21.45
C ASP B 14 -5.28 0.73 21.14
N LEU B 15 -4.37 -0.08 21.68
CA LEU B 15 -2.95 0.18 21.41
C LEU B 15 -2.62 -0.14 19.93
N TRP B 16 -3.19 -1.21 19.42
CA TRP B 16 -3.10 -1.52 17.99
C TRP B 16 -3.53 -0.34 17.16
N ASN B 17 -4.71 0.20 17.44
CA ASN B 17 -5.19 1.27 16.61
C ASN B 17 -4.40 2.57 16.66
N LYS B 18 -3.99 2.92 17.86
CA LYS B 18 -3.16 4.10 18.02
C LYS B 18 -1.89 4.01 17.21
N ASN B 19 -1.29 2.81 17.20
CA ASN B 19 -0.01 2.66 16.60
C ASN B 19 -0.05 2.42 15.08
N ILE B 20 -0.86 1.46 14.63
CA ILE B 20 -0.90 1.06 13.24
C ILE B 20 -2.28 1.15 12.59
N GLY B 21 -3.23 1.78 13.28
CA GLY B 21 -4.65 1.71 12.88
C GLY B 21 -4.96 2.49 11.61
N THR B 22 -4.06 3.38 11.19
CA THR B 22 -4.33 4.09 9.97
C THR B 22 -4.30 3.13 8.75
N VAL B 23 -3.46 2.11 8.83
CA VAL B 23 -3.33 1.16 7.75
C VAL B 23 -3.87 -0.22 8.10
N TYR B 24 -3.95 -0.56 9.38
CA TYR B 24 -4.56 -1.84 9.81
C TYR B 24 -5.59 -1.52 10.88
N PRO B 25 -6.72 -0.93 10.46
CA PRO B 25 -7.74 -0.60 11.42
C PRO B 25 -8.34 -1.86 12.03
N MET B 26 -8.18 -2.02 13.32
CA MET B 26 -8.70 -3.17 14.02
C MET B 26 -10.01 -2.85 14.73
N ASN B 27 -10.94 -3.80 14.71
CA ASN B 27 -12.11 -3.69 15.60
C ASN B 27 -12.10 -4.88 16.56
N LEU B 28 -12.71 -4.68 17.74
CA LEU B 28 -12.80 -5.67 18.77
C LEU B 28 -13.56 -6.92 18.30
N GLU B 29 -14.57 -6.79 17.47
CA GLU B 29 -15.33 -7.97 16.99
C GLU B 29 -14.36 -8.93 16.27
N LEU B 30 -13.53 -8.37 15.38
CA LEU B 30 -12.57 -9.17 14.65
C LEU B 30 -11.54 -9.73 15.59
N PHE B 31 -11.03 -8.90 16.48
CA PHE B 31 -9.93 -9.34 17.34
C PHE B 31 -10.39 -10.53 18.20
N LYS B 32 -11.56 -10.35 18.81
CA LYS B 32 -12.14 -11.46 19.62
C LYS B 32 -12.43 -12.71 18.80
N GLN B 33 -13.05 -12.52 17.64
CA GLN B 33 -13.35 -13.63 16.77
C GLN B 33 -12.08 -14.47 16.53
N ASN B 34 -11.03 -13.81 16.10
CA ASN B 34 -9.84 -14.51 15.68
C ASN B 34 -9.11 -15.09 16.86
N TYR B 35 -9.05 -14.35 17.98
CA TYR B 35 -8.30 -14.89 19.10
C TYR B 35 -9.08 -16.00 19.79
N ILE B 36 -10.35 -15.81 20.08
CA ILE B 36 -11.09 -16.80 20.86
C ILE B 36 -11.28 -18.12 20.09
N ASN B 37 -11.44 -18.06 18.80
CA ASN B 37 -11.68 -19.28 18.05
C ASN B 37 -10.48 -20.09 17.63
N ASP B 38 -9.29 -19.49 17.71
CA ASP B 38 -8.10 -20.22 17.31
C ASP B 38 -7.91 -21.45 18.25
N ARG B 39 -7.57 -22.59 17.66
CA ARG B 39 -7.45 -23.84 18.39
C ARG B 39 -6.02 -24.27 18.74
N GLN B 40 -5.04 -23.44 18.41
CA GLN B 40 -3.64 -23.77 18.68
C GLN B 40 -3.36 -23.42 20.14
N ARG B 41 -2.27 -23.94 20.65
CA ARG B 41 -1.71 -23.46 21.88
C ARG B 41 -1.28 -22.02 21.63
N LYS B 42 -1.80 -21.09 22.40
CA LYS B 42 -1.73 -19.67 22.06
C LYS B 42 -1.59 -18.87 23.31
N LYS B 43 -1.00 -17.68 23.21
CA LYS B 43 -0.87 -16.83 24.38
C LYS B 43 -0.65 -15.40 23.97
N ILE B 44 -1.05 -14.47 24.83
CA ILE B 44 -0.69 -13.08 24.71
C ILE B 44 0.17 -12.65 25.89
N MET B 45 1.38 -12.16 25.62
CA MET B 45 2.23 -11.53 26.67
C MET B 45 2.18 -10.04 26.51
N GLY B 46 1.87 -9.35 27.61
CA GLY B 46 1.81 -7.94 27.66
C GLY B 46 3.00 -7.34 28.36
N ALA B 47 3.36 -6.14 27.94
CA ALA B 47 4.29 -5.34 28.67
C ALA B 47 3.52 -4.22 29.36
N PHE B 48 3.82 -4.03 30.64
CA PHE B 48 3.08 -3.08 31.44
C PHE B 48 3.92 -2.08 32.18
N ASN B 49 3.40 -0.87 32.24
CA ASN B 49 3.93 0.17 33.07
C ASN B 49 2.88 0.33 34.15
N GLY B 50 3.10 -0.31 35.30
CA GLY B 50 2.03 -0.36 36.28
C GLY B 50 0.87 -1.17 35.75
N GLU B 51 -0.32 -0.61 35.76
CA GLU B 51 -1.46 -1.21 35.08
C GLU B 51 -1.69 -0.84 33.60
N ILE B 52 -0.80 -0.06 33.02
CA ILE B 52 -1.02 0.43 31.68
C ILE B 52 -0.25 -0.48 30.72
N LEU B 53 -0.99 -1.01 29.76
CA LEU B 53 -0.40 -1.80 28.69
C LEU B 53 0.35 -0.90 27.76
N ILE B 54 1.63 -1.23 27.54
CA ILE B 54 2.46 -0.46 26.60
C ILE B 54 3.04 -1.34 25.49
N GLY B 55 2.72 -2.62 25.45
CA GLY B 55 3.18 -3.45 24.30
C GLY B 55 2.60 -4.84 24.44
N PHE B 56 2.58 -5.63 23.37
CA PHE B 56 2.10 -6.98 23.50
C PHE B 56 2.71 -7.83 22.36
N VAL B 57 2.74 -9.12 22.59
CA VAL B 57 2.99 -10.14 21.55
C VAL B 57 2.01 -11.29 21.69
N ILE B 58 1.47 -11.73 20.55
CA ILE B 58 0.58 -12.84 20.45
C ILE B 58 1.33 -13.92 19.68
N TYR B 59 1.37 -15.12 20.28
CA TYR B 59 2.14 -16.21 19.71
C TYR B 59 1.47 -17.58 19.89
N LYS B 60 1.80 -18.50 19.00
CA LYS B 60 1.10 -19.77 18.87
C LYS B 60 2.06 -20.88 18.47
N GLN B 61 1.75 -22.12 18.88
CA GLN B 61 2.45 -23.30 18.39
C GLN B 61 1.46 -24.18 17.65
N TRP B 62 1.89 -24.79 16.57
CA TRP B 62 1.03 -25.66 15.79
C TRP B 62 0.84 -26.97 16.58
N THR B 63 -0.31 -27.01 17.25
CA THR B 63 -0.72 -28.13 18.12
C THR B 63 -2.07 -28.75 17.74
N TYR B 64 -2.82 -28.11 16.84
CA TYR B 64 -4.14 -28.58 16.46
C TYR B 64 -4.10 -29.05 15.01
N LYS B 65 -4.82 -30.12 14.73
CA LYS B 65 -4.80 -30.71 13.43
C LYS B 65 -5.12 -29.66 12.33
N SER B 66 -4.65 -29.90 11.12
CA SER B 66 -5.07 -29.11 9.98
C SER B 66 -5.67 -30.02 8.90
N GLY B 67 -6.97 -30.27 9.02
CA GLY B 67 -7.73 -31.14 8.12
C GLY B 67 -7.21 -32.55 8.30
N SER B 68 -6.55 -33.06 7.28
CA SER B 68 -5.95 -34.39 7.28
CA SER B 68 -5.99 -34.39 7.38
C SER B 68 -4.54 -34.40 7.84
N LEU B 69 -3.97 -33.23 8.12
CA LEU B 69 -2.58 -33.15 8.57
C LEU B 69 -2.61 -33.17 10.07
N LYS B 70 -1.80 -34.05 10.65
CA LYS B 70 -1.56 -33.93 12.05
C LYS B 70 -0.70 -32.67 12.35
N PRO B 71 -0.77 -32.16 13.57
CA PRO B 71 0.02 -30.98 13.87
C PRO B 71 1.53 -31.20 13.85
N ASN B 72 2.29 -30.17 13.49
CA ASN B 72 3.74 -30.23 13.57
C ASN B 72 4.17 -29.26 14.65
N HIS B 73 4.51 -29.80 15.82
CA HIS B 73 4.84 -29.03 17.01
C HIS B 73 6.12 -28.22 16.85
N LYS B 74 6.91 -28.55 15.82
CA LYS B 74 8.11 -27.82 15.50
C LYS B 74 7.90 -26.40 14.94
N ILE B 75 6.67 -26.08 14.56
CA ILE B 75 6.33 -24.77 13.99
C ILE B 75 5.61 -23.90 15.02
N GLY B 76 6.09 -22.67 15.15
CA GLY B 76 5.57 -21.65 16.04
C GLY B 76 5.36 -20.38 15.21
N TYR B 77 4.55 -19.46 15.71
CA TYR B 77 4.13 -18.28 14.97
C TYR B 77 4.14 -17.07 15.89
N ILE B 78 4.67 -15.95 15.39
CA ILE B 78 4.42 -14.64 16.00
C ILE B 78 3.21 -14.05 15.25
N ASN B 79 2.04 -14.10 15.85
CA ASN B 79 0.84 -13.53 15.27
C ASN B 79 0.98 -12.02 15.03
N SER B 80 1.45 -11.33 16.05
CA SER B 80 1.60 -9.87 16.04
C SER B 80 2.43 -9.44 17.25
N ILE B 81 3.15 -8.32 17.12
CA ILE B 81 3.90 -7.73 18.18
C ILE B 81 3.87 -6.24 17.89
N ILE B 82 3.48 -5.45 18.89
CA ILE B 82 3.47 -4.00 18.78
C ILE B 82 3.85 -3.45 20.17
N VAL B 83 4.79 -2.52 20.17
CA VAL B 83 5.14 -1.71 21.30
C VAL B 83 4.67 -0.31 21.01
N ASP B 84 4.05 0.33 22.01
CA ASP B 84 3.56 1.68 21.85
C ASP B 84 4.69 2.65 21.46
N ILE B 85 4.34 3.60 20.58
CA ILE B 85 5.25 4.52 19.92
C ILE B 85 6.01 5.38 20.93
N ASN B 86 5.41 5.67 22.09
CA ASN B 86 6.09 6.49 23.10
C ASN B 86 7.04 5.66 23.98
N PHE B 87 7.15 4.34 23.76
CA PHE B 87 7.97 3.45 24.54
C PHE B 87 8.91 2.54 23.69
N ARG B 88 9.28 3.01 22.52
CA ARG B 88 10.11 2.27 21.55
C ARG B 88 11.59 2.48 21.88
N HIS B 89 12.43 1.57 21.43
CA HIS B 89 13.87 1.65 21.70
C HIS B 89 14.22 1.75 23.19
N GLN B 90 13.50 0.99 23.99
CA GLN B 90 13.81 0.85 25.40
C GLN B 90 13.95 -0.60 25.80
N GLY B 91 13.94 -1.52 24.82
CA GLY B 91 14.17 -2.93 25.11
C GLY B 91 12.90 -3.73 25.28
N ILE B 92 11.73 -3.10 25.18
CA ILE B 92 10.47 -3.81 25.45
C ILE B 92 10.15 -4.90 24.39
N GLY B 93 10.25 -4.53 23.14
CA GLY B 93 10.05 -5.49 22.04
C GLY B 93 10.93 -6.72 22.15
N THR B 94 12.19 -6.49 22.49
CA THR B 94 13.18 -7.58 22.72
C THR B 94 12.73 -8.53 23.84
N LYS B 95 12.32 -7.96 24.96
CA LYS B 95 11.81 -8.73 26.07
C LYS B 95 10.56 -9.48 25.73
N LEU B 96 9.64 -8.84 24.98
CA LEU B 96 8.44 -9.55 24.62
C LEU B 96 8.73 -10.72 23.69
N LEU B 97 9.53 -10.46 22.65
CA LEU B 97 9.82 -11.52 21.67
C LEU B 97 10.69 -12.62 22.28
N ASP B 98 11.61 -12.23 23.17
CA ASP B 98 12.39 -13.24 23.95
C ASP B 98 11.49 -14.16 24.76
N ALA B 99 10.50 -13.59 25.42
CA ALA B 99 9.56 -14.36 26.24
C ALA B 99 8.76 -15.34 25.34
N ALA B 100 8.19 -14.84 24.23
CA ALA B 100 7.50 -15.69 23.26
C ALA B 100 8.37 -16.80 22.73
N GLU B 101 9.55 -16.45 22.25
CA GLU B 101 10.43 -17.41 21.55
C GLU B 101 10.94 -18.48 22.54
N GLU B 102 11.26 -18.05 23.75
CA GLU B 102 11.75 -18.98 24.79
C GLU B 102 10.71 -20.04 25.15
N GLU B 103 9.47 -19.60 25.30
CA GLU B 103 8.38 -20.49 25.60
C GLU B 103 8.16 -21.47 24.48
N LEU B 104 8.19 -20.97 23.26
CA LEU B 104 7.93 -21.82 22.11
C LEU B 104 9.06 -22.83 21.92
N ILE B 105 10.28 -22.32 22.03
CA ILE B 105 11.48 -23.16 21.89
C ILE B 105 11.44 -24.22 23.01
N ASN B 106 11.04 -23.82 24.21
CA ASN B 106 10.96 -24.79 25.31
C ASN B 106 9.92 -25.85 25.06
N SER B 107 8.94 -25.57 24.21
CA SER B 107 7.93 -26.56 23.85
C SER B 107 8.21 -27.30 22.55
N GLY B 108 9.43 -27.21 22.03
CA GLY B 108 9.82 -28.04 20.87
C GLY B 108 9.78 -27.31 19.54
N VAL B 109 9.48 -26.00 19.54
CA VAL B 109 9.52 -25.26 18.28
C VAL B 109 10.93 -25.10 17.76
N LYS B 110 11.09 -25.41 16.48
CA LYS B 110 12.33 -25.21 15.75
C LYS B 110 12.19 -24.21 14.63
N ILE B 111 10.98 -23.85 14.22
CA ILE B 111 10.80 -22.98 13.05
C ILE B 111 9.75 -21.94 13.49
N LEU B 112 10.14 -20.66 13.45
CA LEU B 112 9.33 -19.57 13.94
C LEU B 112 8.91 -18.71 12.74
N ARG B 113 7.61 -18.57 12.52
CA ARG B 113 7.08 -17.78 11.41
C ARG B 113 6.51 -16.44 11.90
N CYS B 114 6.76 -15.38 11.13
CA CYS B 114 6.09 -14.09 11.27
C CYS B 114 4.76 -14.13 10.56
N GLY B 115 3.68 -14.11 11.32
CA GLY B 115 2.38 -14.26 10.72
C GLY B 115 2.18 -15.66 10.14
N SER B 116 1.11 -15.76 9.36
CA SER B 116 0.74 -16.92 8.52
C SER B 116 0.07 -18.00 9.40
N ASP B 117 -0.18 -17.69 10.67
CA ASP B 117 -0.87 -18.60 11.57
C ASP B 117 -2.31 -18.78 11.20
N THR B 118 -2.95 -19.76 11.85
CA THR B 118 -4.40 -19.79 11.79
C THR B 118 -4.97 -18.56 12.43
N TYR B 119 -6.11 -18.09 11.90
CA TYR B 119 -6.74 -16.87 12.40
C TYR B 119 -5.70 -15.74 12.49
N HIS B 120 -4.83 -15.71 11.48
CA HIS B 120 -3.83 -14.67 11.36
C HIS B 120 -4.46 -13.29 11.27
N PHE B 121 -3.65 -12.28 11.57
CA PHE B 121 -3.92 -10.95 11.06
C PHE B 121 -3.11 -10.63 9.82
N PHE B 122 -1.96 -11.25 9.68
CA PHE B 122 -1.02 -10.91 8.61
C PHE B 122 -0.41 -12.19 8.03
N PRO B 123 -0.32 -12.27 6.72
CA PRO B 123 0.31 -13.37 6.03
C PRO B 123 1.83 -13.32 6.22
N GLY B 124 2.37 -12.16 6.56
CA GLY B 124 3.79 -11.99 6.77
C GLY B 124 4.05 -10.61 7.35
N ILE B 125 5.27 -10.11 7.28
CA ILE B 125 5.53 -8.75 7.81
C ILE B 125 4.99 -7.71 6.83
N PRO B 126 4.00 -6.89 7.24
CA PRO B 126 3.50 -5.92 6.29
C PRO B 126 4.55 -4.93 5.79
N LEU B 127 4.36 -4.46 4.57
CA LEU B 127 5.23 -3.42 4.01
C LEU B 127 5.10 -2.17 4.86
N GLU B 128 3.92 -1.94 5.42
CA GLU B 128 3.78 -0.74 6.27
C GLU B 128 4.57 -0.89 7.54
N CYS B 129 4.95 -2.14 7.85
CA CYS B 129 5.85 -2.48 8.94
C CYS B 129 7.27 -2.78 8.48
N LEU B 130 7.65 -2.23 7.35
CA LEU B 130 9.02 -2.50 6.79
C LEU B 130 10.12 -2.19 7.83
N PRO B 131 9.98 -1.11 8.62
CA PRO B 131 11.05 -0.91 9.58
C PRO B 131 11.30 -2.03 10.59
N SER B 132 10.27 -2.80 10.92
CA SER B 132 10.44 -3.94 11.81
C SER B 132 11.29 -5.05 11.21
N GLU B 133 11.49 -5.07 9.88
CA GLU B 133 12.33 -6.12 9.30
C GLU B 133 13.72 -6.10 9.93
N GLU B 134 14.24 -4.91 10.21
CA GLU B 134 15.58 -4.77 10.85
C GLU B 134 15.59 -5.44 12.21
N PHE B 135 14.51 -5.25 12.96
CA PHE B 135 14.38 -5.81 14.29
C PHE B 135 14.36 -7.35 14.21
N PHE B 136 13.60 -7.90 13.28
CA PHE B 136 13.50 -9.34 13.10
C PHE B 136 14.82 -9.95 12.53
N LEU B 137 15.47 -9.22 11.61
CA LEU B 137 16.71 -9.66 10.99
C LEU B 137 17.79 -9.84 12.06
N VAL B 138 17.92 -8.84 12.90
CA VAL B 138 18.90 -8.93 13.96
C VAL B 138 18.64 -10.11 14.86
N ARG B 139 17.36 -10.46 15.03
CA ARG B 139 16.97 -11.52 15.88
C ARG B 139 16.91 -12.89 15.18
N GLY B 140 17.50 -13.02 14.00
CA GLY B 140 17.65 -14.36 13.38
C GLY B 140 16.58 -14.73 12.37
N TYR B 141 15.66 -13.81 12.06
CA TYR B 141 14.63 -14.13 11.03
C TYR B 141 15.15 -13.82 9.65
N LYS B 142 14.92 -14.73 8.71
CA LYS B 142 15.32 -14.54 7.33
C LYS B 142 14.14 -13.95 6.56
N MET B 143 14.42 -12.94 5.75
CA MET B 143 13.37 -12.30 4.95
C MET B 143 13.21 -13.06 3.62
N GLN B 144 12.00 -13.46 3.27
CA GLN B 144 11.83 -14.34 2.11
C GLN B 144 10.89 -13.65 1.12
N ASP B 145 10.03 -14.38 0.41
CA ASP B 145 9.22 -13.79 -0.67
C ASP B 145 8.07 -12.94 -0.11
N TYR B 146 7.47 -12.14 -0.99
CA TYR B 146 6.25 -11.41 -0.69
C TYR B 146 4.97 -12.09 -1.09
N PHE B 147 3.93 -11.79 -0.33
CA PHE B 147 2.59 -12.10 -0.73
C PHE B 147 1.79 -10.82 -0.70
N TYR B 148 0.62 -10.83 -1.34
CA TYR B 148 -0.11 -9.61 -1.61
C TYR B 148 -1.61 -9.76 -1.32
N ASP B 149 -2.20 -8.72 -0.73
CA ASP B 149 -3.65 -8.55 -0.84
C ASP B 149 -3.88 -7.69 -2.07
N LEU B 150 -4.85 -8.06 -2.88
CA LEU B 150 -5.20 -7.25 -4.09
C LEU B 150 -6.48 -6.50 -3.84
N ILE B 151 -6.70 -5.37 -4.52
CA ILE B 151 -7.93 -4.60 -4.37
C ILE B 151 -8.49 -4.24 -5.76
N GLY B 152 -9.79 -4.13 -5.86
CA GLY B 152 -10.47 -3.81 -7.10
C GLY B 152 -11.86 -3.30 -6.76
N ASP B 153 -12.42 -2.47 -7.62
CA ASP B 153 -13.81 -2.08 -7.47
C ASP B 153 -14.66 -2.73 -8.55
N VAL B 154 -15.38 -3.81 -8.19
CA VAL B 154 -16.16 -4.58 -9.15
C VAL B 154 -17.35 -3.81 -9.72
N SER B 155 -17.73 -2.70 -9.10
CA SER B 155 -18.78 -1.86 -9.70
C SER B 155 -18.35 -1.11 -10.96
N LYS B 156 -17.05 -1.01 -11.23
CA LYS B 156 -16.55 -0.06 -12.21
C LYS B 156 -16.32 -0.61 -13.61
N VAL B 157 -16.37 -1.93 -13.77
CA VAL B 157 -15.94 -2.53 -15.03
C VAL B 157 -16.97 -3.60 -15.39
N ASP B 158 -17.25 -3.76 -16.68
CA ASP B 158 -18.12 -4.86 -17.17
C ASP B 158 -17.20 -5.85 -17.79
N PHE B 159 -17.36 -7.13 -17.44
CA PHE B 159 -16.62 -8.19 -18.13
C PHE B 159 -17.46 -9.07 -19.06
N LYS B 160 -16.89 -9.49 -20.19
CA LYS B 160 -17.56 -10.47 -21.06
C LYS B 160 -17.57 -11.85 -20.40
N LYS B 161 -18.62 -12.62 -20.67
CA LYS B 161 -18.74 -13.98 -20.12
C LYS B 161 -17.62 -14.78 -20.76
N PRO B 162 -16.92 -15.64 -19.99
CA PRO B 162 -15.87 -16.43 -20.62
C PRO B 162 -16.51 -17.51 -21.49
N SER B 163 -15.77 -17.97 -22.50
CA SER B 163 -16.14 -19.11 -23.36
C SER B 163 -17.06 -20.12 -22.64
N ILE B 164 -18.29 -20.25 -23.11
CA ILE B 164 -19.27 -21.13 -22.48
C ILE B 164 -18.88 -22.62 -22.64
N LYS B 165 -18.94 -23.42 -21.57
CA LYS B 165 -18.38 -24.79 -21.58
C LYS B 165 -19.28 -25.90 -21.03
N ASP B 166 -19.42 -26.96 -21.82
CA ASP B 166 -20.50 -27.93 -21.61
C ASP B 166 -20.17 -28.74 -20.38
N GLY B 167 -21.18 -28.93 -19.54
CA GLY B 167 -21.02 -29.71 -18.32
C GLY B 167 -20.79 -28.87 -17.07
N PHE B 168 -20.25 -27.67 -17.22
CA PHE B 168 -19.78 -26.89 -16.07
C PHE B 168 -20.79 -25.86 -15.64
N LYS B 169 -21.07 -25.81 -14.35
CA LYS B 169 -21.97 -24.80 -13.83
C LYS B 169 -21.35 -24.20 -12.57
N VAL B 170 -21.58 -22.90 -12.35
CA VAL B 170 -21.11 -22.22 -11.14
C VAL B 170 -22.31 -21.67 -10.38
N ASN B 171 -22.50 -22.04 -9.13
CA ASN B 171 -23.61 -21.45 -8.37
C ASN B 171 -23.24 -21.32 -6.89
N VAL B 172 -23.86 -20.36 -6.22
CA VAL B 172 -23.82 -20.26 -4.79
C VAL B 172 -24.24 -21.57 -4.21
N MET B 173 -23.56 -21.94 -3.14
CA MET B 173 -23.71 -23.21 -2.47
C MET B 173 -25.07 -23.30 -1.81
N LYS B 174 -25.68 -24.50 -1.80
CA LYS B 174 -26.95 -24.73 -1.07
C LYS B 174 -26.67 -25.69 0.06
N PRO B 175 -27.57 -25.76 1.07
CA PRO B 175 -27.18 -26.55 2.25
C PRO B 175 -26.89 -28.01 1.91
N GLU B 176 -27.58 -28.54 0.91
CA GLU B 176 -27.36 -29.93 0.46
C GLU B 176 -26.02 -30.17 -0.23
N ASP B 177 -25.26 -29.10 -0.45
CA ASP B 177 -23.92 -29.21 -1.07
C ASP B 177 -22.84 -29.50 -0.05
N ARG B 178 -23.21 -29.47 1.23
CA ARG B 178 -22.25 -29.56 2.31
C ARG B 178 -21.38 -30.78 2.16
N LYS B 179 -22.01 -31.94 1.95
CA LYS B 179 -21.29 -33.21 1.93
C LYS B 179 -20.34 -33.24 0.72
N GLY B 180 -20.86 -32.82 -0.43
CA GLY B 180 -20.07 -32.74 -1.66
C GLY B 180 -18.85 -31.84 -1.54
N LEU B 181 -19.03 -30.69 -0.89
CA LEU B 181 -17.90 -29.78 -0.67
C LEU B 181 -16.85 -30.40 0.24
N PHE B 182 -17.29 -30.98 1.36
CA PHE B 182 -16.35 -31.59 2.25
C PHE B 182 -15.56 -32.75 1.63
N GLU B 183 -16.22 -33.57 0.82
CA GLU B 183 -15.52 -34.64 0.14
C GLU B 183 -14.52 -34.09 -0.85
N PHE B 184 -14.92 -33.05 -1.57
CA PHE B 184 -13.98 -32.41 -2.45
C PHE B 184 -12.74 -31.85 -1.76
N LEU B 185 -12.95 -31.11 -0.66
CA LEU B 185 -11.83 -30.59 0.10
C LEU B 185 -10.94 -31.72 0.62
N GLU B 186 -11.55 -32.83 1.02
CA GLU B 186 -10.76 -33.97 1.52
C GLU B 186 -9.86 -34.52 0.45
N LYS B 187 -10.31 -34.44 -0.80
CA LYS B 187 -9.53 -34.89 -1.93
C LYS B 187 -8.46 -33.88 -2.38
N SER B 188 -8.81 -32.62 -2.52
CA SER B 188 -8.02 -31.66 -3.25
C SER B 188 -7.35 -30.62 -2.40
N PHE B 189 -7.90 -30.32 -1.23
CA PHE B 189 -7.38 -29.25 -0.38
C PHE B 189 -7.50 -29.61 1.09
N SER B 190 -6.78 -30.65 1.49
CA SER B 190 -7.17 -31.39 2.69
C SER B 190 -6.45 -30.88 3.92
N GLY B 191 -5.69 -29.80 3.81
CA GLY B 191 -5.04 -29.23 4.94
C GLY B 191 -5.81 -28.03 5.49
N ARG B 192 -5.17 -26.86 5.38
CA ARG B 192 -5.72 -25.64 5.92
C ARG B 192 -7.07 -25.31 5.42
N TRP B 193 -7.33 -25.43 4.13
CA TRP B 193 -8.66 -25.09 3.72
C TRP B 193 -9.78 -26.01 4.21
N LEU B 194 -9.54 -27.31 4.20
CA LEU B 194 -10.44 -28.26 4.84
C LEU B 194 -10.67 -27.82 6.29
N GLU B 195 -9.60 -27.53 7.03
CA GLU B 195 -9.71 -27.16 8.45
C GLU B 195 -10.61 -25.94 8.64
N GLU B 196 -10.43 -24.95 7.76
CA GLU B 196 -11.15 -23.69 7.87
C GLU B 196 -12.61 -23.83 7.51
N PHE B 197 -12.92 -24.63 6.49
CA PHE B 197 -14.31 -24.91 6.20
C PHE B 197 -15.08 -25.54 7.37
N ILE B 198 -14.43 -26.48 8.01
CA ILE B 198 -14.99 -27.17 9.18
C ILE B 198 -15.18 -26.13 10.29
N GLU B 199 -14.13 -25.39 10.60
CA GLU B 199 -14.20 -24.42 11.71
C GLU B 199 -15.06 -23.21 11.47
N PHE B 200 -14.90 -22.57 10.31
CA PHE B 200 -15.71 -21.40 10.01
C PHE B 200 -17.23 -21.66 10.01
N PHE B 201 -17.68 -22.82 9.53
CA PHE B 201 -19.10 -23.16 9.56
C PHE B 201 -19.68 -23.22 10.98
N GLN B 202 -18.85 -23.52 11.97
CA GLN B 202 -19.20 -23.46 13.36
C GLN B 202 -19.20 -22.04 13.96
N VAL B 203 -18.66 -21.03 13.30
CA VAL B 203 -18.74 -19.68 13.86
C VAL B 203 -19.31 -18.68 12.87
N GLY B 204 -20.32 -19.12 12.13
CA GLY B 204 -21.18 -18.19 11.42
C GLY B 204 -20.96 -18.03 9.93
N MET B 205 -20.05 -18.78 9.32
CA MET B 205 -20.00 -18.80 7.87
C MET B 205 -21.29 -19.46 7.41
N LYS B 206 -21.86 -18.98 6.32
CA LYS B 206 -23.13 -19.47 5.77
C LYS B 206 -22.88 -19.94 4.36
N GLU B 207 -23.81 -20.77 3.89
CA GLU B 207 -23.75 -21.21 2.49
C GLU B 207 -23.74 -20.05 1.47
N ARG B 208 -24.40 -18.93 1.75
CA ARG B 208 -24.42 -17.86 0.76
C ARG B 208 -23.01 -17.27 0.54
N ASP B 209 -22.07 -17.58 1.43
CA ASP B 209 -20.66 -17.09 1.37
C ASP B 209 -19.76 -17.99 0.52
N ILE B 210 -20.33 -19.08 0.01
CA ILE B 210 -19.56 -20.05 -0.77
C ILE B 210 -20.12 -20.22 -2.19
N VAL B 211 -19.26 -20.18 -3.18
CA VAL B 211 -19.61 -20.44 -4.59
C VAL B 211 -18.93 -21.74 -5.02
N LEU B 212 -19.67 -22.63 -5.68
CA LEU B 212 -19.10 -23.89 -6.18
C LEU B 212 -19.14 -23.99 -7.67
N ILE B 213 -18.12 -24.62 -8.25
CA ILE B 213 -18.13 -24.99 -9.65
C ILE B 213 -18.19 -26.53 -9.69
N LYS B 214 -19.17 -27.01 -10.46
CA LYS B 214 -19.43 -28.44 -10.65
C LYS B 214 -19.25 -28.77 -12.13
N TYR B 215 -18.62 -29.92 -12.39
CA TYR B 215 -18.74 -30.62 -13.66
C TYR B 215 -19.82 -31.68 -13.52
N LYS B 216 -20.89 -31.48 -14.27
CA LYS B 216 -22.10 -32.22 -14.03
C LYS B 216 -22.50 -32.17 -12.57
N THR B 217 -22.34 -33.28 -11.89
CA THR B 217 -22.81 -33.34 -10.55
C THR B 217 -21.69 -33.04 -9.56
N SER B 218 -20.43 -33.16 -10.00
CA SER B 218 -19.28 -33.20 -9.10
C SER B 218 -18.68 -31.80 -8.87
N VAL B 219 -18.58 -31.46 -7.60
CA VAL B 219 -17.79 -30.30 -7.17
C VAL B 219 -16.35 -30.38 -7.63
N ILE B 220 -15.90 -29.37 -8.36
CA ILE B 220 -14.50 -29.38 -8.80
C ILE B 220 -13.76 -28.13 -8.38
N GLY B 221 -14.42 -27.28 -7.62
CA GLY B 221 -13.78 -26.06 -7.17
C GLY B 221 -14.71 -25.22 -6.35
N PHE B 222 -14.12 -24.19 -5.73
CA PHE B 222 -14.92 -23.34 -4.84
C PHE B 222 -14.25 -21.96 -4.69
N SER B 223 -15.05 -21.01 -4.23
CA SER B 223 -14.54 -19.76 -3.72
C SER B 223 -15.32 -19.39 -2.46
N HIS B 224 -14.67 -18.61 -1.60
CA HIS B 224 -15.32 -18.04 -0.41
C HIS B 224 -15.42 -16.56 -0.70
N ILE B 225 -16.63 -15.99 -0.64
CA ILE B 225 -16.87 -14.60 -0.97
C ILE B 225 -17.49 -13.89 0.23
N TYR B 226 -17.35 -12.57 0.23
CA TYR B 226 -17.68 -11.76 1.38
C TYR B 226 -18.39 -10.50 0.94
N ASP B 227 -19.41 -10.10 1.69
CA ASP B 227 -19.96 -8.77 1.55
C ASP B 227 -20.31 -8.24 2.92
N ASN B 228 -21.01 -7.11 2.95
CA ASN B 228 -21.28 -6.45 4.22
C ASN B 228 -22.38 -7.12 5.04
N LYS B 229 -22.87 -8.26 4.55
CA LYS B 229 -23.80 -9.11 5.29
C LYS B 229 -23.16 -10.38 5.83
N SER B 230 -21.93 -10.69 5.44
CA SER B 230 -21.25 -11.83 6.02
CA SER B 230 -21.24 -11.83 6.02
C SER B 230 -21.16 -11.66 7.53
N SER B 231 -21.43 -12.72 8.29
CA SER B 231 -21.27 -12.64 9.72
C SER B 231 -19.86 -13.09 10.12
N PHE B 232 -19.29 -14.05 9.40
CA PHE B 232 -17.89 -14.46 9.59
C PHE B 232 -16.93 -13.45 8.89
N ILE B 233 -16.04 -12.88 9.66
CA ILE B 233 -15.14 -11.87 9.15
C ILE B 233 -13.84 -12.56 8.81
N GLY B 234 -13.64 -12.84 7.54
CA GLY B 234 -12.44 -13.53 7.11
C GLY B 234 -11.46 -12.55 6.49
N PRO B 235 -10.26 -13.03 6.19
CA PRO B 235 -9.17 -12.12 5.80
C PRO B 235 -9.47 -11.07 4.72
N PRO B 236 -10.18 -11.45 3.63
CA PRO B 236 -10.54 -10.43 2.67
C PRO B 236 -11.18 -9.14 3.22
N ILE B 237 -11.93 -9.28 4.32
CA ILE B 237 -12.61 -8.15 4.90
C ILE B 237 -12.07 -7.76 6.28
N TYR B 238 -10.88 -8.22 6.64
CA TYR B 238 -10.23 -7.72 7.87
C TYR B 238 -10.23 -6.21 7.92
N TRP B 239 -9.83 -5.58 6.81
CA TRP B 239 -9.52 -4.17 6.81
C TRP B 239 -10.63 -3.38 6.12
N LYS B 240 -11.86 -3.83 6.36
CA LYS B 240 -13.05 -3.26 5.76
C LYS B 240 -13.28 -1.77 6.06
N ALA B 241 -12.69 -1.27 7.13
CA ALA B 241 -12.81 0.13 7.43
C ALA B 241 -12.15 0.97 6.35
N LEU B 242 -11.23 0.39 5.61
CA LEU B 242 -10.67 1.06 4.45
C LEU B 242 -11.44 0.86 3.14
N LEU B 243 -12.49 0.05 3.11
CA LEU B 243 -13.08 -0.36 1.87
C LEU B 243 -14.45 0.29 1.57
N GLY B 244 -14.89 1.24 2.37
CA GLY B 244 -16.16 1.91 2.13
C GLY B 244 -17.40 1.10 2.44
N HIS B 245 -18.60 1.60 2.07
CA HIS B 245 -19.85 1.08 2.62
C HIS B 245 -20.17 -0.33 2.12
N ASN B 246 -20.04 -0.50 0.82
CA ASN B 246 -20.50 -1.76 0.16
C ASN B 246 -19.27 -2.62 -0.14
N TYR B 247 -18.47 -2.84 0.88
CA TYR B 247 -17.22 -3.61 0.76
C TYR B 247 -17.47 -5.08 0.52
N GLY B 248 -16.46 -5.76 0.00
CA GLY B 248 -16.49 -7.21 -0.05
C GLY B 248 -15.14 -7.84 -0.22
N GLY B 249 -15.12 -9.12 -0.57
CA GLY B 249 -13.84 -9.79 -0.70
C GLY B 249 -14.06 -11.16 -1.27
N LEU B 250 -12.95 -11.81 -1.63
CA LEU B 250 -12.96 -13.14 -2.23
C LEU B 250 -11.65 -13.81 -1.86
N GLY B 251 -11.74 -14.96 -1.22
CA GLY B 251 -10.56 -15.79 -0.93
C GLY B 251 -10.88 -16.69 0.26
N PRO B 252 -10.49 -17.95 0.21
CA PRO B 252 -9.71 -18.56 -0.88
C PRO B 252 -10.53 -18.95 -2.11
N ILE B 253 -9.83 -19.36 -3.16
CA ILE B 253 -10.43 -19.88 -4.37
C ILE B 253 -9.57 -21.02 -4.83
N GLY B 254 -10.21 -22.10 -5.26
CA GLY B 254 -9.43 -23.26 -5.71
C GLY B 254 -10.18 -24.15 -6.71
N ILE B 255 -9.41 -24.71 -7.63
CA ILE B 255 -9.85 -25.72 -8.61
C ILE B 255 -9.00 -26.97 -8.36
N ASP B 256 -9.63 -28.12 -8.31
CA ASP B 256 -8.95 -29.40 -8.35
C ASP B 256 -7.79 -29.41 -9.35
N LYS B 257 -6.63 -29.83 -8.89
CA LYS B 257 -5.42 -29.84 -9.68
C LYS B 257 -5.67 -30.46 -11.05
N THR B 258 -6.53 -31.45 -11.12
CA THR B 258 -6.67 -32.19 -12.38
C THR B 258 -7.21 -31.30 -13.47
N TYR B 259 -8.02 -30.32 -13.08
CA TYR B 259 -8.78 -29.47 -13.96
C TYR B 259 -8.13 -28.11 -14.26
N ARG B 260 -6.92 -27.90 -13.79
CA ARG B 260 -6.26 -26.60 -13.92
C ARG B 260 -5.70 -26.32 -15.33
N LYS B 261 -5.55 -25.02 -15.59
CA LYS B 261 -5.02 -24.51 -16.83
C LYS B 261 -5.91 -24.80 -18.03
N GLN B 262 -7.22 -24.81 -17.83
CA GLN B 262 -8.16 -24.91 -18.93
C GLN B 262 -9.21 -23.84 -18.91
N GLY B 263 -9.02 -22.79 -18.07
CA GLY B 263 -9.99 -21.72 -18.00
C GLY B 263 -11.14 -21.86 -17.02
N LEU B 264 -11.12 -22.91 -16.18
CA LEU B 264 -12.20 -23.13 -15.24
C LEU B 264 -12.07 -22.25 -13.98
N GLY B 265 -10.84 -21.98 -13.56
CA GLY B 265 -10.56 -20.94 -12.55
C GLY B 265 -11.07 -19.59 -12.97
N ARG B 266 -10.74 -19.24 -14.19
CA ARG B 266 -11.26 -18.00 -14.73
C ARG B 266 -12.78 -17.93 -14.65
N LEU B 267 -13.43 -19.06 -14.97
CA LEU B 267 -14.88 -19.06 -15.04
C LEU B 267 -15.47 -18.93 -13.62
N LEU B 268 -14.88 -19.70 -12.73
CA LEU B 268 -15.27 -19.64 -11.33
C LEU B 268 -15.06 -18.21 -10.76
N LEU B 269 -13.94 -17.58 -11.11
CA LEU B 269 -13.69 -16.21 -10.66
C LEU B 269 -14.74 -15.24 -11.23
N TYR B 270 -14.94 -15.29 -12.54
CA TYR B 270 -15.90 -14.43 -13.23
C TYR B 270 -17.24 -14.55 -12.57
N GLU B 271 -17.71 -15.79 -12.36
CA GLU B 271 -19.08 -15.93 -11.83
C GLU B 271 -19.13 -15.47 -10.39
N SER B 272 -18.07 -15.74 -9.61
CA SER B 272 -18.01 -15.24 -8.19
C SER B 272 -18.05 -13.73 -8.12
N LEU B 273 -17.31 -13.08 -9.01
CA LEU B 273 -17.38 -11.61 -9.08
C LEU B 273 -18.76 -11.09 -9.53
N GLN B 274 -19.40 -11.83 -10.43
CA GLN B 274 -20.76 -11.45 -10.88
C GLN B 274 -21.74 -11.53 -9.77
N ILE B 275 -21.63 -12.58 -8.94
CA ILE B 275 -22.50 -12.68 -7.77
C ILE B 275 -22.28 -11.48 -6.85
N LEU B 276 -21.02 -11.12 -6.60
CA LEU B 276 -20.73 -9.95 -5.71
C LEU B 276 -21.25 -8.62 -6.29
N LYS B 277 -21.05 -8.48 -7.59
CA LYS B 277 -21.47 -7.28 -8.32
C LYS B 277 -22.98 -7.13 -8.19
N LYS B 278 -23.69 -8.25 -8.33
CA LYS B 278 -25.15 -8.27 -8.15
C LYS B 278 -25.56 -8.02 -6.72
N ARG B 279 -24.70 -8.37 -5.76
CA ARG B 279 -24.93 -7.99 -4.37
C ARG B 279 -24.58 -6.53 -4.04
N GLU B 280 -24.26 -5.74 -5.06
CA GLU B 280 -23.94 -4.33 -4.93
C GLU B 280 -22.57 -3.99 -4.29
N VAL B 281 -21.71 -5.00 -4.16
CA VAL B 281 -20.30 -4.78 -3.74
C VAL B 281 -19.58 -3.76 -4.66
N LYS B 282 -18.79 -2.86 -4.05
CA LYS B 282 -17.90 -1.96 -4.78
C LYS B 282 -16.44 -2.36 -4.52
N LYS B 283 -15.78 -1.73 -3.57
CA LYS B 283 -14.38 -2.08 -3.28
C LYS B 283 -14.26 -3.43 -2.61
N MET B 284 -13.32 -4.27 -3.06
CA MET B 284 -13.17 -5.61 -2.49
C MET B 284 -11.75 -6.10 -2.64
N VAL B 285 -11.41 -7.04 -1.77
CA VAL B 285 -10.05 -7.51 -1.62
C VAL B 285 -9.97 -8.99 -1.89
N ILE B 286 -8.85 -9.36 -2.49
CA ILE B 286 -8.46 -10.75 -2.72
C ILE B 286 -7.19 -10.96 -1.88
N ASP B 287 -7.24 -11.86 -0.89
CA ASP B 287 -6.22 -11.85 0.16
C ASP B 287 -5.11 -12.86 -0.11
N TRP B 288 -3.91 -12.52 0.38
CA TRP B 288 -2.80 -13.46 0.54
C TRP B 288 -2.56 -14.27 -0.75
N THR B 289 -2.07 -13.55 -1.75
CA THR B 289 -1.82 -14.14 -3.06
C THR B 289 -0.32 -14.11 -3.35
N GLU B 290 0.13 -15.09 -4.11
CA GLU B 290 1.52 -15.11 -4.59
C GLU B 290 1.71 -14.25 -5.83
N LYS B 291 2.94 -13.81 -6.04
CA LYS B 291 3.30 -12.93 -7.19
C LYS B 291 2.85 -13.48 -8.56
N ASP B 292 3.10 -14.77 -8.81
CA ASP B 292 2.87 -15.34 -10.15
C ASP B 292 1.39 -15.53 -10.47
N ILE B 293 0.49 -15.39 -9.50
CA ILE B 293 -0.95 -15.44 -9.78
C ILE B 293 -1.63 -14.08 -9.83
N ILE B 294 -0.88 -13.01 -9.56
CA ILE B 294 -1.50 -11.70 -9.55
C ILE B 294 -2.24 -11.42 -10.89
N ASN B 295 -1.60 -11.72 -12.00
CA ASN B 295 -2.13 -11.42 -13.37
C ASN B 295 -3.46 -12.11 -13.66
N PHE B 296 -3.64 -13.32 -13.12
CA PHE B 296 -4.94 -14.01 -13.15
C PHE B 296 -6.07 -13.13 -12.58
N TYR B 297 -5.84 -12.48 -11.43
CA TYR B 297 -6.83 -11.55 -10.89
C TYR B 297 -6.79 -10.21 -11.60
N GLY B 298 -5.61 -9.88 -12.08
CA GLY B 298 -5.40 -8.58 -12.77
C GLY B 298 -6.28 -8.41 -13.98
N ARG B 299 -6.56 -9.53 -14.66
CA ARG B 299 -7.50 -9.53 -15.79
C ARG B 299 -8.84 -8.96 -15.43
N PHE B 300 -9.21 -9.06 -14.14
CA PHE B 300 -10.45 -8.51 -13.65
C PHE B 300 -10.28 -7.18 -12.92
N ASN B 301 -9.15 -6.53 -13.17
CA ASN B 301 -8.89 -5.15 -12.74
C ASN B 301 -8.46 -5.06 -11.29
N PHE B 302 -8.05 -6.19 -10.73
CA PHE B 302 -7.46 -6.19 -9.42
C PHE B 302 -6.00 -5.75 -9.45
N MET B 303 -5.58 -5.03 -8.40
CA MET B 303 -4.22 -4.52 -8.25
C MET B 303 -3.67 -4.82 -6.86
N PRO B 304 -2.38 -5.15 -6.78
CA PRO B 304 -1.75 -5.27 -5.46
C PRO B 304 -2.01 -4.05 -4.60
N TRP B 305 -2.36 -4.27 -3.32
CA TRP B 305 -2.86 -3.21 -2.43
C TRP B 305 -1.97 -3.19 -1.19
N LYS B 306 -1.76 -4.39 -0.64
CA LYS B 306 -0.92 -4.60 0.55
C LYS B 306 0.06 -5.71 0.28
N ALA B 307 1.30 -5.51 0.77
CA ALA B 307 2.33 -6.53 0.62
C ALA B 307 2.80 -7.03 1.96
N TYR B 308 3.13 -8.31 2.03
CA TYR B 308 3.60 -8.91 3.26
C TYR B 308 4.81 -9.76 2.96
N ARG B 309 5.84 -9.59 3.78
CA ARG B 309 7.06 -10.40 3.63
C ARG B 309 7.03 -11.64 4.47
N LYS B 310 7.14 -12.78 3.81
CA LYS B 310 7.35 -14.02 4.57
C LYS B 310 8.67 -13.96 5.31
N ALA B 311 8.67 -14.46 6.53
CA ALA B 311 9.87 -14.40 7.35
C ALA B 311 9.89 -15.51 8.38
N THR B 312 11.07 -16.12 8.48
CA THR B 312 11.22 -17.39 9.18
C THR B 312 12.54 -17.39 9.89
N LYS B 313 12.52 -17.85 11.14
CA LYS B 313 13.69 -18.07 11.95
C LYS B 313 13.82 -19.56 12.24
N GLU B 314 15.01 -20.08 11.98
CA GLU B 314 15.39 -21.44 12.35
C GLU B 314 16.14 -21.44 13.64
N VAL B 315 15.62 -22.19 14.61
CA VAL B 315 16.23 -22.29 15.93
C VAL B 315 17.50 -23.16 15.78
N LYS B 316 18.60 -22.68 16.34
CA LYS B 316 19.97 -23.09 15.98
C LYS B 316 20.24 -24.60 16.08
#